data_8XWD
#
_entry.id   8XWD
#
loop_
_entity.id
_entity.type
_entity.pdbx_description
1 polymer Alpha-synuclein
2 non-polymer '(2R,3R)-5,7-dihydroxy-2-(3,4,5-trihydroxyphenyl)-3,4-dihydro-2H-chromen-3-yl 3,4,5-trihydroxybenzoate'
#
_entity_poly.entity_id   1
_entity_poly.type   'polypeptide(L)'
_entity_poly.pdbx_seq_one_letter_code
;MDVFMKGLSKAKEGVVAAAEKTKQGVAEAAGKTKEGVLYVGSKTKEGVVHGVATVAEKTKEQVTNVGGAVVTGVTAVAQK
TVEGAGSIAAATGFVKKDQLGKNEEGAPQEGILEDMPVDPDNEAYEMPSEEGYQDYEPEA
;
_entity_poly.pdbx_strand_id   C,D,E,A,F,B
#
loop_
_chem_comp.id
_chem_comp.type
_chem_comp.name
_chem_comp.formula
KDH non-polymer '(2R,3R)-5,7-dihydroxy-2-(3,4,5-trihydroxyphenyl)-3,4-dihydro-2H-chromen-3-yl 3,4,5-trihydroxybenzoate' 'C22 H18 O11'
#
# COMPACT_ATOMS: atom_id res chain seq x y z
N VAL A 37 -22.37 -33.20 -17.77
CA VAL A 37 -21.34 -32.80 -16.82
C VAL A 37 -21.84 -31.63 -15.96
N LEU A 38 -23.01 -31.84 -15.36
CA LEU A 38 -23.70 -30.82 -14.57
C LEU A 38 -22.75 -30.09 -13.64
N TYR A 39 -22.66 -28.76 -13.82
CA TYR A 39 -21.81 -27.90 -13.03
C TYR A 39 -20.35 -28.38 -13.07
N VAL A 40 -19.75 -28.21 -14.24
CA VAL A 40 -18.33 -28.48 -14.43
C VAL A 40 -17.62 -27.15 -14.25
N GLY A 41 -18.27 -26.26 -13.49
CA GLY A 41 -17.73 -24.96 -13.17
C GLY A 41 -16.30 -24.94 -12.67
N SER A 42 -15.42 -24.37 -13.50
CA SER A 42 -14.00 -24.22 -13.22
C SER A 42 -13.78 -23.06 -12.26
N LYS A 43 -12.58 -22.50 -12.27
CA LYS A 43 -12.09 -21.70 -11.16
C LYS A 43 -12.86 -20.40 -10.97
N THR A 44 -13.99 -20.47 -10.27
CA THR A 44 -14.75 -19.30 -9.91
C THR A 44 -14.05 -18.51 -8.82
N LYS A 45 -14.62 -17.35 -8.50
CA LYS A 45 -14.20 -16.54 -7.36
C LYS A 45 -15.44 -15.85 -6.84
N GLU A 46 -15.68 -15.93 -5.53
CA GLU A 46 -16.87 -15.34 -4.93
C GLU A 46 -16.51 -14.81 -3.56
N GLY A 47 -16.64 -13.50 -3.38
CA GLY A 47 -16.24 -12.89 -2.13
C GLY A 47 -14.75 -12.99 -1.93
N VAL A 48 -13.98 -12.34 -2.78
CA VAL A 48 -12.53 -12.42 -2.75
C VAL A 48 -11.97 -11.01 -2.70
N VAL A 49 -10.91 -10.82 -1.92
CA VAL A 49 -10.14 -9.58 -1.90
C VAL A 49 -8.69 -9.95 -2.02
N HIS A 50 -7.96 -9.29 -2.91
CA HIS A 50 -6.55 -9.63 -3.02
C HIS A 50 -5.76 -8.51 -3.67
N GLY A 51 -4.62 -8.19 -3.09
CA GLY A 51 -3.78 -7.15 -3.63
C GLY A 51 -4.11 -5.78 -3.09
N VAL A 52 -4.12 -5.65 -1.77
CA VAL A 52 -4.44 -4.39 -1.12
C VAL A 52 -3.19 -3.86 -0.44
N ALA A 53 -3.01 -2.55 -0.49
CA ALA A 53 -1.90 -1.90 0.19
C ALA A 53 -2.41 -0.62 0.82
N THR A 54 -2.09 -0.40 2.08
CA THR A 54 -2.69 0.68 2.83
C THR A 54 -1.64 1.30 3.74
N VAL A 55 -1.73 2.61 3.93
CA VAL A 55 -0.89 3.32 4.88
C VAL A 55 -1.78 4.34 5.57
N ALA A 56 -2.08 4.11 6.85
CA ALA A 56 -2.77 5.09 7.66
C ALA A 56 -1.74 5.77 8.56
N GLU A 57 -1.87 7.08 8.70
CA GLU A 57 -0.82 7.82 9.40
C GLU A 57 -1.48 9.02 10.09
N LYS A 58 -1.89 8.83 11.33
CA LYS A 58 -2.52 9.89 12.09
C LYS A 58 -1.51 10.48 13.06
N THR A 59 -1.97 11.38 13.87
CA THR A 59 -1.20 11.89 14.99
C THR A 59 -1.98 11.83 16.28
N LYS A 60 -3.29 12.05 16.24
CA LYS A 60 -4.12 11.82 17.42
C LYS A 60 -5.48 11.36 16.94
N GLU A 61 -5.65 10.05 16.84
CA GLU A 61 -6.96 9.49 16.59
C GLU A 61 -7.68 9.33 17.92
N GLN A 62 -9.01 9.43 17.88
CA GLN A 62 -9.76 9.45 19.13
C GLN A 62 -11.20 9.08 18.85
N VAL A 63 -11.74 8.20 19.67
CA VAL A 63 -13.13 7.75 19.55
C VAL A 63 -13.73 7.76 20.94
N THR A 64 -14.94 8.29 21.06
CA THR A 64 -15.57 8.38 22.37
C THR A 64 -17.09 8.34 22.20
N ASN A 65 -17.67 7.17 22.41
CA ASN A 65 -19.11 7.05 22.29
C ASN A 65 -19.74 6.89 23.66
N VAL A 66 -21.03 7.17 23.75
CA VAL A 66 -21.79 7.08 24.99
C VAL A 66 -23.12 6.43 24.64
N GLY A 67 -23.23 5.13 24.88
CA GLY A 67 -24.50 4.44 24.70
C GLY A 67 -24.82 4.03 23.29
N GLY A 68 -23.95 4.30 22.32
CA GLY A 68 -24.23 3.90 20.96
C GLY A 68 -23.20 2.93 20.40
N ALA A 69 -23.15 2.79 19.09
CA ALA A 69 -22.24 1.89 18.42
C ALA A 69 -21.30 2.67 17.51
N VAL A 70 -20.07 2.20 17.39
CA VAL A 70 -19.08 2.80 16.51
C VAL A 70 -18.30 1.67 15.85
N VAL A 71 -18.03 1.81 14.55
CA VAL A 71 -17.26 0.83 13.80
C VAL A 71 -16.31 1.58 12.89
N THR A 72 -15.00 1.46 13.13
CA THR A 72 -14.01 2.14 12.31
C THR A 72 -12.98 1.14 11.81
N GLY A 73 -12.15 1.61 10.88
CA GLY A 73 -10.94 0.93 10.48
C GLY A 73 -11.07 -0.47 9.89
N VAL A 74 -12.20 -0.79 9.27
CA VAL A 74 -12.36 -2.08 8.63
C VAL A 74 -11.66 -2.06 7.28
N THR A 75 -10.92 -3.12 6.98
CA THR A 75 -10.08 -3.14 5.79
C THR A 75 -9.89 -4.57 5.33
N ALA A 76 -9.98 -4.79 4.02
CA ALA A 76 -9.64 -6.06 3.39
C ALA A 76 -10.42 -7.22 4.01
N VAL A 77 -11.73 -7.18 3.84
CA VAL A 77 -12.63 -8.16 4.45
C VAL A 77 -13.46 -8.80 3.37
N ALA A 78 -13.49 -10.13 3.35
CA ALA A 78 -14.27 -10.88 2.37
C ALA A 78 -15.23 -11.79 3.09
N GLN A 79 -16.20 -12.31 2.35
CA GLN A 79 -17.24 -13.13 2.96
C GLN A 79 -18.09 -13.76 1.89
N LYS A 80 -18.64 -14.93 2.20
CA LYS A 80 -19.67 -15.53 1.38
C LYS A 80 -20.67 -16.22 2.30
N THR A 81 -21.95 -16.00 2.05
CA THR A 81 -23.01 -16.56 2.86
C THR A 81 -24.00 -17.30 1.97
N VAL A 82 -24.59 -18.36 2.50
CA VAL A 82 -25.64 -19.09 1.81
C VAL A 82 -26.81 -19.24 2.77
N GLU A 83 -27.95 -18.69 2.39
CA GLU A 83 -29.18 -18.79 3.16
C GLU A 83 -29.03 -18.13 4.53
N GLY A 84 -28.64 -16.86 4.51
CA GLY A 84 -28.57 -16.09 5.73
C GLY A 84 -28.08 -14.69 5.42
N ALA A 85 -28.38 -13.79 6.36
CA ALA A 85 -27.96 -12.41 6.21
C ALA A 85 -26.45 -12.31 6.11
N GLY A 86 -25.97 -11.16 5.62
CA GLY A 86 -24.57 -11.03 5.35
C GLY A 86 -23.92 -9.71 5.70
N SER A 87 -24.35 -9.04 6.77
CA SER A 87 -23.78 -7.74 7.11
C SER A 87 -22.28 -7.85 7.33
N ILE A 88 -21.57 -6.75 7.12
CA ILE A 88 -20.15 -6.76 7.43
C ILE A 88 -19.79 -5.67 8.44
N ALA A 89 -19.90 -4.40 8.06
CA ALA A 89 -19.57 -3.33 8.99
C ALA A 89 -20.84 -2.67 9.52
N ALA A 90 -21.65 -3.43 10.23
CA ALA A 90 -22.90 -2.90 10.73
C ALA A 90 -22.67 -2.13 12.03
N ALA A 91 -23.65 -1.32 12.39
CA ALA A 91 -23.63 -0.57 13.65
C ALA A 91 -25.04 -0.12 13.96
N THR A 92 -25.57 -0.57 15.09
CA THR A 92 -26.94 -0.26 15.48
C THR A 92 -26.92 0.34 16.88
N GLY A 93 -27.77 1.35 17.10
CA GLY A 93 -27.78 2.02 18.38
C GLY A 93 -28.53 1.26 19.46
N PHE A 94 -29.84 1.11 19.30
CA PHE A 94 -30.64 0.32 20.24
C PHE A 94 -31.42 -0.73 19.46
N VAL A 95 -32.07 -1.61 20.19
CA VAL A 95 -33.12 -2.49 19.68
C VAL A 95 -34.13 -2.67 20.80
N LYS A 96 -35.41 -2.46 20.50
CA LYS A 96 -36.45 -2.66 21.50
C LYS A 96 -37.68 -3.34 20.91
N VAL B 37 22.42 32.74 18.26
CA VAL B 37 22.01 31.35 18.26
C VAL B 37 22.17 30.75 16.85
N LEU B 38 23.37 30.92 16.31
CA LEU B 38 23.69 30.50 14.94
C LEU B 38 23.14 29.12 14.63
N TYR B 39 22.29 29.06 13.61
CA TYR B 39 21.67 27.82 13.15
C TYR B 39 20.93 27.12 14.31
N VAL B 40 19.84 27.74 14.72
CA VAL B 40 18.94 27.16 15.71
C VAL B 40 17.85 26.46 14.92
N GLY B 41 18.20 26.06 13.71
CA GLY B 41 17.31 25.33 12.82
C GLY B 41 16.61 24.14 13.44
N SER B 42 15.29 24.27 13.57
CA SER B 42 14.41 23.25 14.12
C SER B 42 14.13 22.18 13.08
N LYS B 43 13.02 21.47 13.22
CA LYS B 43 12.86 20.18 12.58
C LYS B 43 12.78 20.27 11.06
N THR B 44 13.93 20.31 10.41
CA THR B 44 13.98 20.27 8.96
C THR B 44 13.68 18.87 8.44
N LYS B 45 13.60 18.76 7.12
CA LYS B 45 13.48 17.49 6.42
C LYS B 45 14.20 17.64 5.10
N GLU B 46 15.09 16.70 4.79
CA GLU B 46 15.88 16.77 3.56
C GLU B 46 16.07 15.37 3.02
N GLY B 47 15.55 15.12 1.83
CA GLY B 47 15.61 13.79 1.27
C GLY B 47 14.77 12.82 2.06
N VAL B 48 13.47 13.03 2.10
CA VAL B 48 12.56 12.22 2.90
C VAL B 48 11.46 11.69 2.00
N VAL B 49 11.06 10.45 2.22
CA VAL B 49 9.90 9.85 1.57
C VAL B 49 9.06 9.21 2.66
N HIS B 50 7.75 9.46 2.65
CA HIS B 50 6.95 8.83 3.69
C HIS B 50 5.49 8.80 3.28
N GLY B 51 4.86 7.66 3.49
CA GLY B 51 3.46 7.51 3.16
C GLY B 51 3.23 7.07 1.74
N VAL B 52 3.85 5.96 1.35
CA VAL B 52 3.74 5.43 0.01
C VAL B 52 2.97 4.12 0.06
N ALA B 53 2.11 3.88 -0.91
CA ALA B 53 1.38 2.64 -1.03
C ALA B 53 1.37 2.23 -2.49
N THR B 54 1.69 0.97 -2.77
CA THR B 54 1.91 0.53 -4.13
C THR B 54 1.35 -0.87 -4.29
N VAL B 55 0.81 -1.15 -5.47
CA VAL B 55 0.36 -2.49 -5.84
C VAL B 55 0.77 -2.71 -7.28
N ALA B 56 1.76 -3.58 -7.50
CA ALA B 56 2.12 -4.01 -8.83
C ALA B 56 1.53 -5.40 -9.06
N GLU B 57 0.99 -5.62 -10.24
CA GLU B 57 0.27 -6.87 -10.47
C GLU B 57 0.41 -7.23 -11.95
N LYS B 58 1.44 -8.02 -12.25
CA LYS B 58 1.68 -8.45 -13.61
C LYS B 58 1.20 -9.88 -13.79
N THR B 59 1.45 -10.41 -14.94
CA THR B 59 1.23 -11.82 -15.20
C THR B 59 2.47 -12.47 -15.80
N LYS B 60 3.20 -11.75 -16.64
CA LYS B 60 4.49 -12.25 -17.13
C LYS B 60 5.39 -11.05 -17.34
N GLU B 61 6.15 -10.70 -16.31
CA GLU B 61 7.19 -9.71 -16.48
C GLU B 61 8.45 -10.41 -16.98
N GLN B 62 9.26 -9.67 -17.73
CA GLN B 62 10.40 -10.29 -18.39
C GLN B 62 11.41 -9.22 -18.75
N VAL B 63 12.68 -9.50 -18.47
CA VAL B 63 13.77 -8.59 -18.78
C VAL B 63 14.89 -9.41 -19.37
N THR B 64 15.48 -8.93 -20.45
CA THR B 64 16.53 -9.69 -21.13
C THR B 64 17.47 -8.72 -21.83
N ASN B 65 18.59 -8.42 -21.19
CA ASN B 65 19.55 -7.52 -21.81
C ASN B 65 20.78 -8.30 -22.28
N VAL B 66 21.52 -7.70 -23.20
CA VAL B 66 22.73 -8.31 -23.76
C VAL B 66 23.79 -7.21 -23.82
N GLY B 67 24.67 -7.18 -22.84
CA GLY B 67 25.78 -6.26 -22.88
C GLY B 67 25.49 -4.85 -22.41
N GLY B 68 24.27 -4.56 -22.00
CA GLY B 68 23.95 -3.23 -21.53
C GLY B 68 23.51 -3.20 -20.08
N ALA B 69 22.86 -2.10 -19.67
CA ALA B 69 22.38 -1.93 -18.31
C ALA B 69 20.87 -1.80 -18.30
N VAL B 70 20.24 -2.30 -17.26
CA VAL B 70 18.80 -2.19 -17.07
C VAL B 70 18.53 -1.92 -15.60
N VAL B 71 17.61 -1.00 -15.31
CA VAL B 71 17.23 -0.67 -13.94
C VAL B 71 15.72 -0.54 -13.90
N THR B 72 15.05 -1.43 -13.17
CA THR B 72 13.60 -1.38 -13.07
C THR B 72 13.18 -1.38 -11.61
N GLY B 73 11.89 -1.13 -11.40
CA GLY B 73 11.25 -1.36 -10.12
C GLY B 73 11.77 -0.62 -8.90
N VAL B 74 12.37 0.54 -9.09
CA VAL B 74 12.84 1.34 -7.96
C VAL B 74 11.66 2.07 -7.34
N THR B 75 11.57 2.05 -6.02
CA THR B 75 10.41 2.60 -5.33
C THR B 75 10.81 3.06 -3.94
N ALA B 76 10.31 4.22 -3.54
CA ALA B 76 10.44 4.73 -2.17
C ALA B 76 11.89 4.79 -1.73
N VAL B 77 12.66 5.64 -2.41
CA VAL B 77 14.10 5.74 -2.18
C VAL B 77 14.43 7.18 -1.84
N ALA B 78 15.15 7.39 -0.74
CA ALA B 78 15.55 8.71 -0.32
C ALA B 78 17.06 8.77 -0.20
N GLN B 79 17.60 9.98 -0.11
CA GLN B 79 19.05 10.13 -0.08
C GLN B 79 19.40 11.57 0.22
N LYS B 80 20.55 11.77 0.85
CA LYS B 80 21.13 13.09 1.00
C LYS B 80 22.63 12.96 0.87
N THR B 81 23.25 13.83 0.09
CA THR B 81 24.67 13.80 -0.14
C THR B 81 25.26 15.18 0.14
N VAL B 82 26.50 15.19 0.62
CA VAL B 82 27.23 16.43 0.84
C VAL B 82 28.58 16.29 0.16
N GLU B 83 28.85 17.15 -0.81
CA GLU B 83 30.13 17.20 -1.51
C GLU B 83 30.40 15.90 -2.27
N GLY B 84 29.44 15.54 -3.11
CA GLY B 84 29.61 14.38 -3.97
C GLY B 84 28.39 14.18 -4.83
N ALA B 85 28.59 13.45 -5.92
CA ALA B 85 27.49 13.17 -6.83
C ALA B 85 26.38 12.42 -6.11
N GLY B 86 25.20 12.42 -6.73
CA GLY B 86 24.05 11.85 -6.07
C GLY B 86 23.09 11.04 -6.91
N SER B 87 23.57 10.30 -7.90
CA SER B 87 22.67 9.55 -8.77
C SER B 87 21.86 8.56 -7.95
N ILE B 88 20.68 8.20 -8.47
CA ILE B 88 19.90 7.16 -7.80
C ILE B 88 19.61 6.00 -8.72
N ALA B 89 18.80 6.21 -9.76
CA ALA B 89 18.50 5.12 -10.68
C ALA B 89 19.26 5.28 -11.99
N ALA B 90 20.58 5.23 -11.91
CA ALA B 90 21.39 5.42 -13.10
C ALA B 90 21.49 4.12 -13.89
N ALA B 91 21.91 4.25 -15.15
CA ALA B 91 22.14 3.09 -16.01
C ALA B 91 23.01 3.54 -17.17
N THR B 92 24.19 2.96 -17.30
CA THR B 92 25.14 3.33 -18.33
C THR B 92 25.52 2.08 -19.12
N GLY B 93 25.66 2.23 -20.42
CA GLY B 93 25.99 1.09 -21.26
C GLY B 93 27.45 0.70 -21.22
N PHE B 94 28.33 1.56 -21.73
CA PHE B 94 29.77 1.33 -21.68
C PHE B 94 30.43 2.53 -21.04
N VAL B 95 31.73 2.39 -20.78
CA VAL B 95 32.62 3.50 -20.49
C VAL B 95 33.98 3.14 -21.09
N LYS B 96 34.56 4.06 -21.86
CA LYS B 96 35.88 3.82 -22.43
C LYS B 96 36.76 5.06 -22.36
N VAL C 37 -20.84 -36.26 -14.39
CA VAL C 37 -19.80 -35.87 -13.44
C VAL C 37 -20.28 -34.69 -12.59
N LEU C 38 -21.45 -34.88 -11.97
CA LEU C 38 -22.13 -33.86 -11.18
C LEU C 38 -21.16 -33.11 -10.27
N TYR C 39 -21.06 -31.80 -10.46
CA TYR C 39 -20.19 -30.94 -9.68
C TYR C 39 -18.74 -31.43 -9.72
N VAL C 40 -18.15 -31.28 -10.90
CA VAL C 40 -16.73 -31.56 -11.10
C VAL C 40 -16.01 -30.23 -10.93
N GLY C 41 -16.64 -29.33 -10.17
CA GLY C 41 -16.09 -28.03 -9.87
C GLY C 41 -14.65 -28.02 -9.38
N SER C 42 -13.78 -27.47 -10.21
CA SER C 42 -12.36 -27.33 -9.95
C SER C 42 -12.12 -26.16 -9.00
N LYS C 43 -10.91 -25.61 -9.03
CA LYS C 43 -10.41 -24.82 -7.91
C LYS C 43 -11.17 -23.51 -7.73
N THR C 44 -12.29 -23.57 -7.02
CA THR C 44 -13.03 -22.38 -6.67
C THR C 44 -12.32 -21.60 -5.57
N LYS C 45 -12.88 -20.43 -5.25
CA LYS C 45 -12.44 -19.62 -4.13
C LYS C 45 -13.67 -18.92 -3.60
N GLU C 46 -13.90 -18.99 -2.29
CA GLU C 46 -15.08 -18.39 -1.68
C GLU C 46 -14.71 -17.85 -0.32
N GLY C 47 -14.82 -16.54 -0.13
CA GLY C 47 -14.41 -15.93 1.10
C GLY C 47 -12.91 -16.03 1.30
N VAL C 48 -12.14 -15.40 0.42
CA VAL C 48 -10.70 -15.48 0.46
C VAL C 48 -10.12 -14.08 0.49
N VAL C 49 -9.05 -13.90 1.25
CA VAL C 49 -8.28 -12.67 1.26
C VAL C 49 -6.82 -13.05 1.14
N HIS C 50 -6.10 -12.40 0.24
CA HIS C 50 -4.70 -12.76 0.11
C HIS C 50 -3.91 -11.64 -0.55
N GLY C 51 -2.76 -11.34 0.02
CA GLY C 51 -1.90 -10.30 -0.53
C GLY C 51 -2.22 -8.93 0.00
N VAL C 52 -2.22 -8.78 1.31
CA VAL C 52 -2.53 -7.52 1.98
C VAL C 52 -1.27 -7.00 2.64
N ALA C 53 -1.06 -5.70 2.58
CA ALA C 53 0.06 -5.05 3.24
C ALA C 53 -0.44 -3.76 3.87
N THR C 54 -0.11 -3.54 5.13
CA THR C 54 -0.70 -2.45 5.89
C THR C 54 0.36 -1.84 6.78
N VAL C 55 0.30 -0.52 6.96
CA VAL C 55 1.14 0.19 7.90
C VAL C 55 0.27 1.22 8.61
N ALA C 56 -0.02 1.00 9.88
CA ALA C 56 -0.69 1.98 10.70
C ALA C 56 0.34 2.66 11.57
N GLU C 57 0.24 3.97 11.71
CA GLU C 57 1.29 4.71 12.40
C GLU C 57 0.65 5.91 13.09
N LYS C 58 0.24 5.73 14.34
CA LYS C 58 -0.36 6.81 15.09
C LYS C 58 0.66 7.39 16.06
N THR C 59 0.20 8.30 16.86
CA THR C 59 0.99 8.81 17.97
C THR C 59 0.23 8.76 19.27
N LYS C 60 -1.08 8.99 19.23
CA LYS C 60 -1.90 8.78 20.42
C LYS C 60 -3.27 8.32 19.96
N GLU C 61 -3.46 7.01 19.86
CA GLU C 61 -4.78 6.47 19.64
C GLU C 61 -5.48 6.32 20.97
N GLN C 62 -6.81 6.43 20.95
CA GLN C 62 -7.55 6.46 22.19
C GLN C 62 -9.00 6.10 21.93
N VAL C 63 -9.55 5.23 22.75
CA VAL C 63 -10.93 4.80 22.65
C VAL C 63 -11.53 4.82 24.04
N THR C 64 -12.73 5.36 24.18
CA THR C 64 -13.35 5.47 25.49
C THR C 64 -14.86 5.43 25.34
N ASN C 65 -15.45 4.27 25.55
CA ASN C 65 -16.90 4.16 25.45
C ASN C 65 -17.52 4.02 26.83
N VAL C 66 -18.80 4.31 26.92
CA VAL C 66 -19.55 4.23 28.16
C VAL C 66 -20.89 3.58 27.83
N GLY C 67 -21.01 2.29 28.08
CA GLY C 67 -22.28 1.61 27.91
C GLY C 67 -22.62 1.19 26.50
N GLY C 68 -21.76 1.45 25.53
CA GLY C 68 -22.05 1.04 24.17
C GLY C 68 -21.04 0.06 23.62
N ALA C 69 -21.01 -0.08 22.30
CA ALA C 69 -20.10 -1.00 21.63
C ALA C 69 -19.17 -0.23 20.70
N VAL C 70 -17.94 -0.71 20.58
CA VAL C 70 -16.94 -0.12 19.69
C VAL C 70 -16.18 -1.26 19.02
N VAL C 71 -15.93 -1.13 17.73
CA VAL C 71 -15.16 -2.12 16.97
C VAL C 71 -14.22 -1.38 16.05
N THR C 72 -12.91 -1.51 16.29
CA THR C 72 -11.92 -0.85 15.45
C THR C 72 -10.90 -1.85 14.94
N GLY C 73 -10.08 -1.39 14.01
CA GLY C 73 -8.88 -2.09 13.60
C GLY C 73 -9.03 -3.49 13.02
N VAL C 74 -10.16 -3.80 12.41
CA VAL C 74 -10.35 -5.09 11.77
C VAL C 74 -9.65 -5.08 10.42
N THR C 75 -8.92 -6.15 10.11
CA THR C 75 -8.09 -6.19 8.92
C THR C 75 -7.92 -7.63 8.46
N ALA C 76 -8.03 -7.85 7.17
CA ALA C 76 -7.70 -9.13 6.53
C ALA C 76 -8.48 -10.28 7.17
N VAL C 77 -9.80 -10.24 7.01
CA VAL C 77 -10.70 -11.18 7.63
C VAL C 77 -11.56 -11.84 6.55
N ALA C 78 -11.58 -13.16 6.54
CA ALA C 78 -12.37 -13.91 5.57
C ALA C 78 -13.34 -14.82 6.31
N GLN C 79 -14.33 -15.32 5.58
CA GLN C 79 -15.36 -16.13 6.21
C GLN C 79 -16.24 -16.75 5.14
N LYS C 80 -16.79 -17.91 5.47
CA LYS C 80 -17.83 -18.52 4.65
C LYS C 80 -18.82 -19.19 5.58
N THR C 81 -20.10 -18.97 5.34
CA THR C 81 -21.16 -19.52 6.17
C THR C 81 -22.17 -20.24 5.29
N VAL C 82 -22.76 -21.30 5.83
CA VAL C 82 -23.82 -22.03 5.15
C VAL C 82 -24.98 -22.16 6.12
N GLU C 83 -26.12 -21.60 5.74
CA GLU C 83 -27.35 -21.69 6.53
C GLU C 83 -27.19 -21.01 7.89
N GLY C 84 -26.79 -19.76 7.86
CA GLY C 84 -26.69 -18.98 9.08
C GLY C 84 -26.20 -17.59 8.77
N ALA C 85 -26.48 -16.68 9.70
CA ALA C 85 -26.05 -15.30 9.55
C ALA C 85 -24.53 -15.22 9.42
N GLY C 86 -24.06 -14.07 8.93
CA GLY C 86 -22.64 -13.95 8.65
C GLY C 86 -21.98 -12.63 8.98
N SER C 87 -22.40 -11.96 10.05
CA SER C 87 -21.82 -10.67 10.37
C SER C 87 -20.32 -10.79 10.59
N ILE C 88 -19.60 -9.69 10.37
CA ILE C 88 -18.17 -9.71 10.67
C ILE C 88 -17.80 -8.63 11.67
N ALA C 89 -17.90 -7.37 11.28
CA ALA C 89 -17.56 -6.27 12.20
C ALA C 89 -18.82 -5.60 12.73
N ALA C 90 -19.63 -6.36 13.46
CA ALA C 90 -20.87 -5.82 13.97
C ALA C 90 -20.62 -5.04 15.26
N ALA C 91 -21.60 -4.21 15.63
CA ALA C 91 -21.55 -3.46 16.88
C ALA C 91 -22.96 -3.00 17.21
N THR C 92 -23.49 -3.44 18.34
CA THR C 92 -24.84 -3.12 18.75
C THR C 92 -24.81 -2.50 20.13
N GLY C 93 -25.65 -1.49 20.35
CA GLY C 93 -25.65 -0.81 21.63
C GLY C 93 -26.38 -1.56 22.72
N PHE C 94 -27.70 -1.71 22.59
CA PHE C 94 -28.50 -2.48 23.52
C PHE C 94 -29.29 -3.52 22.75
N VAL C 95 -29.95 -4.41 23.50
CA VAL C 95 -31.01 -5.27 23.00
C VAL C 95 -32.01 -5.43 24.13
N LYS C 96 -33.29 -5.22 23.84
CA LYS C 96 -34.33 -5.40 24.85
C LYS C 96 -35.56 -6.08 24.27
N VAL D 37 24.81 29.48 20.94
CA VAL D 37 24.40 28.08 20.94
C VAL D 37 24.54 27.48 19.54
N LEU D 38 25.74 27.62 18.98
CA LEU D 38 26.05 27.21 17.62
C LEU D 38 25.49 25.83 17.32
N TYR D 39 24.63 25.76 16.30
CA TYR D 39 23.98 24.52 15.87
C TYR D 39 23.26 23.84 17.02
N VAL D 40 22.17 24.48 17.44
CA VAL D 40 21.28 23.91 18.44
C VAL D 40 20.17 23.21 17.67
N GLY D 41 20.50 22.80 16.45
CA GLY D 41 19.60 22.07 15.58
C GLY D 41 18.90 20.90 16.20
N SER D 42 17.58 21.04 16.35
CA SER D 42 16.70 20.03 16.91
C SER D 42 16.40 18.96 15.88
N LYS D 43 15.29 18.25 16.03
CA LYS D 43 15.11 16.96 15.40
C LYS D 43 15.01 17.04 13.89
N THR D 44 16.16 17.07 13.22
CA THR D 44 16.20 17.03 11.77
C THR D 44 15.87 15.63 11.26
N LYS D 45 15.79 15.51 9.94
CA LYS D 45 15.65 14.24 9.25
C LYS D 45 16.37 14.37 7.92
N GLU D 46 17.25 13.42 7.61
CA GLU D 46 18.02 13.48 6.38
C GLU D 46 18.19 12.08 5.84
N GLY D 47 17.67 11.83 4.65
CA GLY D 47 17.71 10.49 4.10
C GLY D 47 16.87 9.53 4.91
N VAL D 48 15.57 9.75 4.95
CA VAL D 48 14.66 8.95 5.76
C VAL D 48 13.54 8.43 4.87
N VAL D 49 13.13 7.19 5.12
CA VAL D 49 11.97 6.60 4.48
C VAL D 49 11.13 5.98 5.57
N HIS D 50 9.83 6.24 5.58
CA HIS D 50 9.02 5.63 6.62
C HIS D 50 7.56 5.60 6.22
N GLY D 51 6.92 4.47 6.44
CA GLY D 51 5.52 4.33 6.13
C GLY D 51 5.28 3.87 4.71
N VAL D 52 5.87 2.77 4.33
CA VAL D 52 5.75 2.22 2.98
C VAL D 52 4.98 0.92 3.06
N ALA D 53 4.11 0.69 2.08
CA ALA D 53 3.37 -0.56 1.97
C ALA D 53 3.33 -0.97 0.52
N THR D 54 3.65 -2.22 0.25
CA THR D 54 3.85 -2.68 -1.11
C THR D 54 3.27 -4.07 -1.27
N VAL D 55 2.72 -4.36 -2.43
CA VAL D 55 2.26 -5.69 -2.79
C VAL D 55 2.65 -5.93 -4.24
N ALA D 56 3.62 -6.80 -4.46
CA ALA D 56 3.97 -7.25 -5.80
C ALA D 56 3.38 -8.62 -6.01
N GLU D 57 2.82 -8.85 -7.19
CA GLU D 57 2.09 -10.09 -7.41
C GLU D 57 2.22 -10.47 -8.88
N LYS D 58 3.23 -11.26 -9.19
CA LYS D 58 3.46 -11.70 -10.54
C LYS D 58 2.97 -13.13 -10.71
N THR D 59 3.20 -13.68 -11.86
CA THR D 59 2.98 -15.08 -12.11
C THR D 59 4.19 -15.75 -12.72
N LYS D 60 4.93 -15.03 -13.58
CA LYS D 60 6.21 -15.55 -14.06
C LYS D 60 7.12 -14.35 -14.29
N GLU D 61 7.89 -14.01 -13.27
CA GLU D 61 8.94 -13.03 -13.46
C GLU D 61 10.19 -13.74 -13.96
N GLN D 62 10.99 -13.02 -14.73
CA GLN D 62 12.12 -13.65 -15.39
C GLN D 62 13.14 -12.59 -15.76
N VAL D 63 14.41 -12.87 -15.49
CA VAL D 63 15.50 -11.97 -15.81
C VAL D 63 16.61 -12.81 -16.41
N THR D 64 17.20 -12.34 -17.50
CA THR D 64 18.24 -13.12 -18.18
C THR D 64 19.18 -12.16 -18.90
N ASN D 65 20.31 -11.86 -18.27
CA ASN D 65 21.27 -10.98 -18.90
C ASN D 65 22.48 -11.77 -19.38
N VAL D 66 23.23 -11.18 -20.30
CA VAL D 66 24.43 -11.80 -20.87
C VAL D 66 25.49 -10.70 -20.95
N GLY D 67 26.38 -10.68 -19.98
CA GLY D 67 27.50 -9.77 -20.03
C GLY D 67 27.23 -8.36 -19.57
N GLY D 68 26.00 -8.06 -19.14
CA GLY D 68 25.71 -6.72 -18.67
C GLY D 68 25.28 -6.67 -17.22
N ALA D 69 24.65 -5.58 -16.82
CA ALA D 69 24.18 -5.40 -15.46
C ALA D 69 22.67 -5.24 -15.44
N VAL D 70 22.04 -5.73 -14.37
CA VAL D 70 20.60 -5.61 -14.17
C VAL D 70 20.36 -5.33 -12.71
N VAL D 71 19.45 -4.41 -12.42
CA VAL D 71 19.08 -4.07 -11.05
C VAL D 71 17.57 -3.92 -10.99
N THR D 72 16.89 -4.80 -10.26
CA THR D 72 15.44 -4.73 -10.14
C THR D 72 15.03 -4.73 -8.67
N GLY D 73 13.75 -4.46 -8.45
CA GLY D 73 13.12 -4.68 -7.16
C GLY D 73 13.65 -3.94 -5.96
N VAL D 74 14.27 -2.78 -6.15
CA VAL D 74 14.75 -1.98 -5.05
C VAL D 74 13.58 -1.24 -4.42
N THR D 75 13.50 -1.25 -3.09
CA THR D 75 12.36 -0.69 -2.39
C THR D 75 12.77 -0.23 -1.01
N ALA D 76 12.28 0.95 -0.62
CA ALA D 76 12.42 1.46 0.74
C ALA D 76 13.89 1.51 1.18
N VAL D 77 14.66 2.35 0.50
CA VAL D 77 16.10 2.45 0.70
C VAL D 77 16.44 3.88 1.03
N ALA D 78 17.17 4.09 2.12
CA ALA D 78 17.59 5.41 2.55
C ALA D 78 19.11 5.45 2.65
N GLN D 79 19.65 6.65 2.73
CA GLN D 79 21.10 6.79 2.74
C GLN D 79 21.46 8.23 3.03
N LYS D 80 22.63 8.43 3.65
CA LYS D 80 23.22 9.73 3.80
C LYS D 80 24.72 9.59 3.65
N THR D 81 25.33 10.46 2.86
CA THR D 81 26.76 10.42 2.61
C THR D 81 27.36 11.79 2.88
N VAL D 82 28.60 11.80 3.35
CA VAL D 82 29.35 13.03 3.56
C VAL D 82 30.70 12.87 2.87
N GLU D 83 30.96 13.73 1.90
CA GLU D 83 32.23 13.75 1.18
C GLU D 83 32.48 12.46 0.43
N GLY D 84 31.52 12.09 -0.41
CA GLY D 84 31.67 10.93 -1.26
C GLY D 84 30.43 10.74 -2.10
N ALA D 85 30.61 10.01 -3.19
CA ALA D 85 29.51 9.72 -4.09
C ALA D 85 28.39 8.99 -3.37
N GLY D 86 27.22 8.99 -3.97
CA GLY D 86 26.07 8.44 -3.30
C GLY D 86 25.09 7.63 -4.13
N SER D 87 25.56 6.89 -5.12
CA SER D 87 24.65 6.13 -5.97
C SER D 87 23.83 5.15 -5.14
N ILE D 88 22.64 4.80 -5.64
CA ILE D 88 21.86 3.79 -4.96
C ILE D 88 21.55 2.61 -5.88
N ALA D 89 20.74 2.82 -6.91
CA ALA D 89 20.42 1.74 -7.83
C ALA D 89 21.17 1.88 -9.15
N ALA D 90 22.49 1.82 -9.08
CA ALA D 90 23.29 2.00 -10.27
C ALA D 90 23.39 0.70 -11.05
N ALA D 91 23.78 0.81 -12.31
CA ALA D 91 24.00 -0.35 -13.17
C ALA D 91 24.86 0.08 -14.34
N THR D 92 26.04 -0.51 -14.47
CA THR D 92 26.97 -0.16 -15.52
C THR D 92 27.35 -1.40 -16.31
N GLY D 93 27.48 -1.27 -17.62
CA GLY D 93 27.78 -2.42 -18.44
C GLY D 93 29.24 -2.82 -18.43
N PHE D 94 30.13 -1.98 -18.94
CA PHE D 94 31.56 -2.21 -18.90
C PHE D 94 32.24 -1.01 -18.27
N VAL D 95 33.54 -1.16 -18.02
CA VAL D 95 34.45 -0.06 -17.75
C VAL D 95 35.80 -0.43 -18.34
N LYS D 96 36.38 0.48 -19.12
CA LYS D 96 37.69 0.22 -19.70
C LYS D 96 38.57 1.46 -19.66
N VAL E 37 -23.92 -30.10 -21.18
CA VAL E 37 -22.90 -29.70 -20.22
C VAL E 37 -23.42 -28.54 -19.36
N LEU E 38 -24.60 -28.76 -18.76
CA LEU E 38 -25.30 -27.75 -17.98
C LEU E 38 -24.36 -27.01 -17.04
N TYR E 39 -24.29 -25.69 -17.21
CA TYR E 39 -23.44 -24.82 -16.41
C TYR E 39 -21.98 -25.28 -16.43
N VAL E 40 -21.38 -25.11 -17.59
CA VAL E 40 -19.95 -25.38 -17.78
C VAL E 40 -19.26 -24.03 -17.58
N GLY E 41 -19.90 -23.16 -16.83
CA GLY E 41 -19.39 -21.84 -16.50
C GLY E 41 -17.96 -21.82 -15.99
N SER E 42 -17.08 -21.24 -16.79
CA SER E 42 -15.67 -21.08 -16.51
C SER E 42 -15.46 -19.92 -15.54
N LYS E 43 -14.26 -19.36 -15.54
CA LYS E 43 -13.79 -18.56 -14.41
C LYS E 43 -14.57 -17.26 -14.23
N THR E 44 -15.71 -17.35 -13.54
CA THR E 44 -16.48 -16.17 -13.19
C THR E 44 -15.79 -15.39 -12.07
N LYS E 45 -16.37 -14.25 -11.75
CA LYS E 45 -15.97 -13.44 -10.61
C LYS E 45 -17.23 -12.76 -10.09
N GLU E 46 -17.48 -12.86 -8.79
CA GLU E 46 -18.67 -12.27 -8.20
C GLU E 46 -18.33 -11.74 -6.82
N GLY E 47 -18.47 -10.44 -6.64
CA GLY E 47 -18.09 -9.83 -5.38
C GLY E 47 -16.60 -9.91 -5.15
N VAL E 48 -15.83 -9.26 -6.00
CA VAL E 48 -14.37 -9.32 -5.96
C VAL E 48 -13.82 -7.91 -5.90
N VAL E 49 -12.77 -7.72 -5.11
CA VAL E 49 -12.02 -6.48 -5.08
C VAL E 49 -10.56 -6.84 -5.18
N HIS E 50 -9.83 -6.15 -6.07
CA HIS E 50 -8.42 -6.49 -6.16
C HIS E 50 -7.64 -5.36 -6.80
N GLY E 51 -6.50 -5.03 -6.21
CA GLY E 51 -5.66 -3.99 -6.74
C GLY E 51 -6.00 -2.63 -6.19
N VAL E 52 -6.03 -2.49 -4.87
CA VAL E 52 -6.36 -1.24 -4.21
C VAL E 52 -5.13 -0.71 -3.52
N ALA E 53 -4.94 0.60 -3.57
CA ALA E 53 -3.85 1.26 -2.87
C ALA E 53 -4.38 2.53 -2.24
N THR E 54 -4.07 2.74 -0.98
CA THR E 54 -4.69 3.81 -0.22
C THR E 54 -3.65 4.44 0.70
N VAL E 55 -3.75 5.75 0.89
CA VAL E 55 -2.93 6.46 1.86
C VAL E 55 -3.82 7.47 2.55
N ALA E 56 -4.14 7.23 3.81
CA ALA E 56 -4.84 8.20 4.64
C ALA E 56 -3.83 8.88 5.53
N GLU E 57 -3.96 10.19 5.69
CA GLU E 57 -2.93 10.94 6.40
C GLU E 57 -3.60 12.13 7.09
N LYS E 58 -4.03 11.92 8.33
CA LYS E 58 -4.66 12.98 9.09
C LYS E 58 -3.67 13.57 10.07
N THR E 59 -4.15 14.47 10.88
CA THR E 59 -3.38 14.98 12.00
C THR E 59 -4.18 14.89 13.29
N LYS E 60 -5.49 15.09 13.24
CA LYS E 60 -6.32 14.86 14.41
C LYS E 60 -7.68 14.39 13.91
N GLU E 61 -7.84 13.09 13.81
CA GLU E 61 -9.15 12.53 13.55
C GLU E 61 -9.88 12.35 14.87
N GLN E 62 -11.19 12.44 14.83
CA GLN E 62 -11.96 12.44 16.06
C GLN E 62 -13.40 12.06 15.76
N VAL E 63 -13.94 11.17 16.58
CA VAL E 63 -15.32 10.72 16.44
C VAL E 63 -15.93 10.71 17.83
N THR E 64 -17.16 11.22 17.95
CA THR E 64 -17.79 11.32 19.25
C THR E 64 -19.31 11.25 19.08
N ASN E 65 -19.89 10.08 19.27
CA ASN E 65 -21.33 9.95 19.13
C ASN E 65 -21.96 9.78 20.50
N VAL E 66 -23.26 10.05 20.57
CA VAL E 66 -24.03 9.94 21.80
C VAL E 66 -25.35 9.28 21.44
N GLY E 67 -25.45 7.98 21.67
CA GLY E 67 -26.70 7.29 21.48
C GLY E 67 -27.01 6.88 20.06
N GLY E 68 -26.14 7.15 19.10
CA GLY E 68 -26.40 6.76 17.73
C GLY E 68 -25.36 5.80 17.18
N ALA E 69 -25.31 5.67 15.87
CA ALA E 69 -24.37 4.78 15.20
C ALA E 69 -23.44 5.58 14.31
N VAL E 70 -22.20 5.11 14.19
CA VAL E 70 -21.20 5.73 13.33
C VAL E 70 -20.41 4.62 12.67
N VAL E 71 -20.14 4.76 11.38
CA VAL E 71 -19.34 3.79 10.63
C VAL E 71 -18.39 4.56 9.73
N THR E 72 -17.09 4.44 9.98
CA THR E 72 -16.10 5.13 9.17
C THR E 72 -15.06 4.14 8.67
N GLY E 73 -14.22 4.63 7.75
CA GLY E 73 -13.00 3.95 7.36
C GLY E 73 -13.12 2.57 6.76
N VAL E 74 -14.24 2.24 6.13
CA VAL E 74 -14.40 0.95 5.47
C VAL E 74 -13.67 0.99 4.14
N THR E 75 -12.92 -0.06 3.84
CA THR E 75 -12.08 -0.08 2.65
C THR E 75 -11.87 -1.51 2.18
N ALA E 76 -11.95 -1.72 0.87
CA ALA E 76 -11.60 -2.99 0.24
C ALA E 76 -12.36 -4.15 0.84
N VAL E 77 -13.68 -4.12 0.66
CA VAL E 77 -14.57 -5.10 1.27
C VAL E 77 -15.39 -5.75 0.17
N ALA E 78 -15.40 -7.08 0.13
CA ALA E 78 -16.17 -7.83 -0.85
C ALA E 78 -17.13 -8.75 -0.15
N GLN E 79 -18.09 -9.28 -0.89
CA GLN E 79 -19.13 -10.10 -0.29
C GLN E 79 -19.97 -10.73 -1.37
N LYS E 80 -20.51 -11.91 -1.08
CA LYS E 80 -21.53 -12.52 -1.92
C LYS E 80 -22.52 -13.21 -1.01
N THR E 81 -23.81 -13.02 -1.27
CA THR E 81 -24.86 -13.59 -0.46
C THR E 81 -25.85 -14.31 -1.37
N VAL E 82 -26.43 -15.39 -0.84
CA VAL E 82 -27.47 -16.13 -1.55
C VAL E 82 -28.64 -16.29 -0.60
N GLU E 83 -29.79 -15.75 -0.99
CA GLU E 83 -31.03 -15.86 -0.22
C GLU E 83 -30.90 -15.21 1.15
N GLY E 84 -30.51 -13.94 1.13
CA GLY E 84 -30.46 -13.18 2.36
C GLY E 84 -29.97 -11.77 2.07
N ALA E 85 -30.28 -10.87 3.00
CA ALA E 85 -29.88 -9.49 2.87
C ALA E 85 -28.37 -9.38 2.78
N GLY E 86 -27.90 -8.22 2.31
CA GLY E 86 -26.49 -8.08 2.05
C GLY E 86 -25.86 -6.75 2.41
N SER E 87 -26.30 -6.09 3.47
CA SER E 87 -25.75 -4.80 3.82
C SER E 87 -24.25 -4.89 4.07
N ILE E 88 -23.54 -3.78 3.86
CA ILE E 88 -22.12 -3.79 4.19
C ILE E 88 -21.78 -2.71 5.21
N ALA E 89 -21.90 -1.43 4.84
CA ALA E 89 -21.59 -0.36 5.77
C ALA E 89 -22.87 0.29 6.29
N ALA E 90 -23.68 -0.49 6.99
CA ALA E 90 -24.94 0.03 7.49
C ALA E 90 -24.73 0.80 8.79
N ALA E 91 -25.72 1.61 9.15
CA ALA E 91 -25.70 2.34 10.40
C ALA E 91 -27.12 2.78 10.71
N THR E 92 -27.66 2.32 11.83
CA THR E 92 -29.03 2.61 12.22
C THR E 92 -29.03 3.22 13.62
N GLY E 93 -29.88 4.21 13.84
CA GLY E 93 -29.93 4.87 15.11
C GLY E 93 -30.67 4.10 16.19
N PHE E 94 -31.98 3.94 16.02
CA PHE E 94 -32.79 3.14 16.94
C PHE E 94 -33.55 2.09 16.14
N VAL E 95 -34.19 1.19 16.87
CA VAL E 95 -35.23 0.31 16.34
C VAL E 95 -36.25 0.11 17.46
N LYS E 96 -37.52 0.32 17.15
CA LYS E 96 -38.58 0.11 18.14
C LYS E 96 -39.79 -0.57 17.53
N VAL F 37 20.03 36.00 15.60
CA VAL F 37 19.63 34.59 15.58
C VAL F 37 19.81 34.01 14.17
N LEU F 38 21.02 34.19 13.64
CA LEU F 38 21.35 33.79 12.27
C LEU F 38 20.82 32.40 11.94
N TYR F 39 19.97 32.33 10.92
CA TYR F 39 19.37 31.09 10.45
C TYR F 39 18.63 30.38 11.60
N VAL F 40 17.53 30.99 12.01
CA VAL F 40 16.63 30.40 12.99
C VAL F 40 15.55 29.69 12.18
N GLY F 41 15.90 29.30 10.96
CA GLY F 41 15.03 28.57 10.07
C GLY F 41 14.33 27.37 10.67
N SER F 42 13.01 27.49 10.80
CA SER F 42 12.14 26.46 11.34
C SER F 42 11.87 25.40 10.28
N LYS F 43 10.77 24.67 10.42
CA LYS F 43 10.63 23.38 9.76
C LYS F 43 10.55 23.48 8.24
N THR F 44 11.72 23.54 7.60
CA THR F 44 11.78 23.51 6.16
C THR F 44 11.48 22.11 5.62
N LYS F 45 11.42 22.01 4.30
CA LYS F 45 11.32 20.74 3.60
C LYS F 45 12.05 20.90 2.29
N GLU F 46 12.95 19.97 1.97
CA GLU F 46 13.74 20.05 0.75
C GLU F 46 13.96 18.65 0.21
N GLY F 47 13.45 18.40 -0.99
CA GLY F 47 13.53 17.07 -1.56
C GLY F 47 12.69 16.09 -0.78
N VAL F 48 11.38 16.29 -0.74
CA VAL F 48 10.48 15.47 0.04
C VAL F 48 9.38 14.94 -0.87
N VAL F 49 8.99 13.69 -0.65
CA VAL F 49 7.84 13.09 -1.33
C VAL F 49 7.00 12.44 -0.24
N HIS F 50 5.70 12.68 -0.26
CA HIS F 50 4.89 12.05 0.76
C HIS F 50 3.42 11.99 0.34
N GLY F 51 2.80 10.84 0.54
CA GLY F 51 1.41 10.70 0.20
C GLY F 51 1.19 10.26 -1.23
N VAL F 52 1.83 9.16 -1.62
CA VAL F 52 1.73 8.62 -2.97
C VAL F 52 0.97 7.31 -2.92
N ALA F 53 0.12 7.08 -3.91
CA ALA F 53 -0.59 5.81 -4.04
C ALA F 53 -0.60 5.43 -5.50
N THR F 54 -0.25 4.17 -5.78
CA THR F 54 -0.03 3.74 -7.14
C THR F 54 -0.57 2.33 -7.32
N VAL F 55 -1.10 2.06 -8.51
CA VAL F 55 -1.53 0.72 -8.88
C VAL F 55 -1.12 0.51 -10.32
N ALA F 56 -0.12 -0.35 -10.53
CA ALA F 56 0.26 -0.78 -11.87
C ALA F 56 -0.32 -2.15 -12.11
N GLU F 57 -0.85 -2.39 -13.30
CA GLU F 57 -1.56 -3.63 -13.54
C GLU F 57 -1.39 -3.99 -15.02
N LYS F 58 -0.36 -4.77 -15.31
CA LYS F 58 -0.10 -5.19 -16.68
C LYS F 58 -0.57 -6.62 -16.86
N THR F 59 -0.31 -7.15 -18.01
CA THR F 59 -0.51 -8.56 -18.28
C THR F 59 0.74 -9.19 -18.88
N LYS F 60 1.46 -8.46 -19.71
CA LYS F 60 2.76 -8.95 -20.18
C LYS F 60 3.66 -7.74 -20.38
N GLU F 61 4.40 -7.39 -19.35
CA GLU F 61 5.45 -6.39 -19.50
C GLU F 61 6.72 -7.08 -19.99
N GLN F 62 7.52 -6.33 -20.74
CA GLN F 62 8.67 -6.94 -21.39
C GLN F 62 9.68 -5.86 -21.74
N VAL F 63 10.94 -6.12 -21.44
CA VAL F 63 12.03 -5.20 -21.74
C VAL F 63 13.16 -6.02 -22.33
N THR F 64 13.76 -5.52 -23.40
CA THR F 64 14.82 -6.27 -24.08
C THR F 64 15.76 -5.29 -24.76
N ASN F 65 16.88 -4.99 -24.12
CA ASN F 65 17.83 -4.08 -24.72
C ASN F 65 19.06 -4.84 -25.18
N VAL F 66 19.82 -4.24 -26.08
CA VAL F 66 21.03 -4.82 -26.64
C VAL F 66 22.07 -3.72 -26.68
N GLY F 67 22.96 -3.68 -25.70
CA GLY F 67 24.06 -2.76 -25.73
C GLY F 67 23.75 -1.35 -25.25
N GLY F 68 22.52 -1.07 -24.85
CA GLY F 68 22.19 0.25 -24.37
C GLY F 68 21.73 0.27 -22.93
N ALA F 69 21.08 1.35 -22.52
CA ALA F 69 20.59 1.51 -21.16
C ALA F 69 19.08 1.64 -21.17
N VAL F 70 18.44 1.12 -20.13
CA VAL F 70 16.99 1.23 -19.95
C VAL F 70 16.71 1.48 -18.48
N VAL F 71 15.79 2.39 -18.19
CA VAL F 71 15.39 2.70 -16.83
C VAL F 71 13.88 2.83 -16.80
N THR F 72 13.21 1.93 -16.09
CA THR F 72 11.76 1.98 -15.99
C THR F 72 11.32 1.96 -14.54
N GLY F 73 10.03 2.20 -14.33
CA GLY F 73 9.38 1.96 -13.06
C GLY F 73 9.88 2.69 -11.84
N VAL F 74 10.48 3.87 -12.01
CA VAL F 74 10.93 4.66 -10.88
C VAL F 74 9.74 5.37 -10.27
N THR F 75 9.64 5.35 -8.94
CA THR F 75 8.47 5.88 -8.26
C THR F 75 8.85 6.35 -6.86
N ALA F 76 8.34 7.50 -6.47
CA ALA F 76 8.45 8.00 -5.10
C ALA F 76 9.90 8.07 -4.64
N VAL F 77 10.67 8.93 -5.30
CA VAL F 77 12.10 9.05 -5.06
C VAL F 77 12.42 10.48 -4.72
N ALA F 78 13.12 10.69 -3.61
CA ALA F 78 13.52 12.02 -3.17
C ALA F 78 15.03 12.07 -3.03
N GLN F 79 15.56 13.29 -2.94
CA GLN F 79 16.99 13.46 -2.89
C GLN F 79 17.34 14.90 -2.59
N LYS F 80 18.49 15.10 -1.94
CA LYS F 80 19.05 16.42 -1.78
C LYS F 80 20.56 16.30 -1.90
N THR F 81 21.17 17.19 -2.67
CA THR F 81 22.60 17.16 -2.89
C THR F 81 23.17 18.55 -2.60
N VAL F 82 24.40 18.58 -2.11
CA VAL F 82 25.13 19.81 -1.87
C VAL F 82 26.49 19.69 -2.54
N GLU F 83 26.76 20.56 -3.50
CA GLU F 83 28.04 20.62 -4.19
C GLU F 83 28.32 19.32 -4.95
N GLY F 84 27.38 18.96 -5.82
CA GLY F 84 27.57 17.81 -6.67
C GLY F 84 26.35 17.61 -7.54
N ALA F 85 26.56 16.89 -8.64
CA ALA F 85 25.48 16.59 -9.56
C ALA F 85 24.36 15.84 -8.86
N GLY F 86 23.19 15.82 -9.48
CA GLY F 86 22.03 15.25 -8.83
C GLY F 86 21.09 14.43 -9.69
N SER F 87 21.59 13.71 -10.68
CA SER F 87 20.71 12.95 -11.56
C SER F 87 19.89 11.94 -10.76
N ILE F 88 18.72 11.58 -11.28
CA ILE F 88 17.94 10.54 -10.62
C ILE F 88 17.67 9.38 -11.56
N ALA F 89 16.87 9.58 -12.59
CA ALA F 89 16.58 8.49 -13.53
C ALA F 89 17.35 8.67 -14.83
N ALA F 90 18.67 8.64 -14.74
CA ALA F 90 19.49 8.84 -15.92
C ALA F 90 19.62 7.55 -16.71
N ALA F 91 20.03 7.68 -17.97
CA ALA F 91 20.28 6.53 -18.84
C ALA F 91 21.15 6.99 -19.99
N THR F 92 22.35 6.42 -20.10
CA THR F 92 23.30 6.80 -21.13
C THR F 92 23.71 5.56 -21.91
N GLY F 93 23.85 5.72 -23.23
CA GLY F 93 24.20 4.58 -24.06
C GLY F 93 25.65 4.21 -24.02
N PHE F 94 26.53 5.07 -24.51
CA PHE F 94 27.97 4.86 -24.45
C PHE F 94 28.62 6.06 -23.80
N VAL F 95 29.92 5.93 -23.53
CA VAL F 95 30.81 7.04 -23.23
C VAL F 95 32.16 6.70 -23.80
N LYS F 96 32.75 7.62 -24.57
CA LYS F 96 34.07 7.40 -25.13
C LYS F 96 34.93 8.65 -25.06
O1 KDH G . -26.31 -27.18 -10.15
C3 KDH G . -27.21 -27.58 -9.20
C6 KDH G . -27.94 -28.75 -9.38
O7 KDH G . -27.76 -29.49 -10.51
C9 KDH G . -28.85 -29.14 -8.41
O10 KDH G . -29.57 -30.30 -8.60
C12 KDH G . -29.03 -28.38 -7.28
C14 KDH G . -28.30 -27.22 -7.08
C15 KDH G . -28.49 -26.38 -5.84
C20 KDH G . -29.28 -26.51 -3.63
C21 KDH G . -30.24 -27.05 -2.77
C24 KDH G . -30.49 -26.41 -1.57
C26 KDH G . -29.80 -25.27 -1.21
C29 KDH G . -28.85 -24.74 -2.07
C31 KDH G . -28.57 -25.36 -3.30
C33 KDH G . -27.19 -25.78 -5.33
C36 KDH G . -25.09 -26.94 -5.02
C38 KDH G . -24.34 -25.76 -4.53
C39 KDH G . -25.00 -24.56 -4.30
C41 KDH G . -22.98 -25.87 -4.29
C01 KDH G . -27.53 -24.80 -4.23
O01 KDH G . -29.07 -27.19 -4.82
O02 KDH G . -31.42 -26.92 -0.72
O03 KDH G . -28.17 -23.61 -1.73
C4 KDH G . -27.40 -26.82 -8.06
O35 KDH G . -26.40 -26.86 -4.73
O37 KDH G . -24.59 -27.87 -5.59
C43 KDH G . -22.28 -24.78 -3.82
O44 KDH G . -20.94 -24.83 -3.57
C46 KDH G . -22.94 -23.57 -3.59
O47 KDH G . -22.23 -22.50 -3.14
C49 KDH G . -24.30 -23.47 -3.83
O50 KDH G . -24.91 -22.27 -3.60
O1 KDH H . 25.78 27.77 9.69
C3 KDH H . 27.09 27.52 9.38
C6 KDH H . 28.10 28.22 10.01
O7 KDH H . 27.79 29.16 10.95
C9 KDH H . 29.42 27.96 9.67
O10 KDH H . 30.42 28.66 10.31
C12 KDH H . 29.73 27.02 8.71
C14 KDH H . 28.73 26.31 8.08
C15 KDH H . 29.04 25.28 7.04
C20 KDH H . 30.80 23.89 6.29
C21 KDH H . 32.16 23.77 6.06
C24 KDH H . 32.62 22.82 5.16
C26 KDH H . 31.73 22.01 4.49
C29 KDH H . 30.37 22.13 4.71
C31 KDH H . 29.88 23.08 5.62
C33 KDH H . 28.12 24.07 7.09
C36 KDH H . 27.51 22.83 9.07
C38 KDH H . 26.63 21.86 8.37
C39 KDH H . 26.56 21.86 6.98
C41 KDH H . 25.92 20.93 9.11
C01 KDH H . 28.39 23.20 5.87
O01 KDH H . 30.40 24.85 7.19
O02 KDH H . 33.95 22.69 4.94
O03 KDH H . 29.48 21.33 4.05
C4 KDH H . 27.39 26.58 8.42
O35 KDH H . 28.50 23.28 8.27
O37 KDH H . 27.37 23.15 10.22
C43 KDH H . 25.11 20.01 8.46
O44 KDH H . 24.37 19.08 9.13
C46 KDH H . 25.02 20.02 7.07
O47 KDH H . 24.21 19.12 6.44
C49 KDH H . 25.75 20.96 6.33
O50 KDH H . 25.63 20.93 4.97
O1 KDH I . -24.63 -30.20 -6.74
C3 KDH I . -25.52 -30.59 -5.78
C6 KDH I . -26.27 -31.75 -5.95
O7 KDH I . -26.10 -32.51 -7.07
C9 KDH I . -27.18 -32.14 -4.97
O10 KDH I . -27.90 -33.29 -5.15
C12 KDH I . -27.34 -31.37 -3.83
C14 KDH I . -26.60 -30.21 -3.65
C15 KDH I . -26.77 -29.36 -2.42
C20 KDH I . -27.54 -29.49 -0.19
C21 KDH I . -28.49 -30.01 0.68
C24 KDH I . -28.73 -29.35 1.88
C26 KDH I . -28.02 -28.21 2.22
C29 KDH I . -27.08 -27.71 1.35
C31 KDH I . -26.81 -28.34 0.13
C33 KDH I . -25.45 -28.78 -1.92
C36 KDH I . -23.37 -29.95 -1.62
C38 KDH I . -22.61 -28.77 -1.14
C39 KDH I . -23.26 -27.56 -0.91
C41 KDH I . -21.23 -28.90 -0.91
C01 KDH I . -25.78 -27.78 -0.82
O01 KDH I . -27.34 -30.16 -1.37
O02 KDH I . -29.66 -29.86 2.73
O03 KDH I . -26.38 -26.58 1.67
C4 KDH I . -25.69 -29.82 -4.64
O35 KDH I . -24.67 -29.86 -1.31
O37 KDH I . -22.89 -30.89 -2.20
C43 KDH I . -20.53 -27.80 -0.46
O44 KDH I . -19.18 -27.86 -0.21
C46 KDH I . -21.17 -26.59 -0.23
O47 KDH I . -20.45 -25.52 0.21
C49 KDH I . -22.54 -26.48 -0.46
O50 KDH I . -23.14 -25.27 -0.23
O1 KDH J . 28.06 24.43 12.35
C3 KDH J . 29.36 24.16 12.02
C6 KDH J . 30.38 24.87 12.65
O7 KDH J . 30.09 25.80 13.59
C9 KDH J . 31.70 24.59 12.30
O10 KDH J . 32.71 25.29 12.93
C12 KDH J . 31.99 23.64 11.35
C14 KDH J . 30.97 22.94 10.72
C15 KDH J . 31.27 21.89 9.68
C20 KDH J . 33.01 20.48 8.93
C21 KDH J . 34.38 20.35 8.70
C24 KDH J . 34.81 19.40 7.79
C26 KDH J . 33.91 18.59 7.13
C29 KDH J . 32.56 18.72 7.37
C31 KDH J . 32.08 19.68 8.27
C33 KDH J . 30.35 20.69 9.75
C36 KDH J . 29.75 19.46 11.74
C38 KDH J . 28.86 18.49 11.05
C39 KDH J . 28.77 18.50 9.66
C41 KDH J . 28.13 17.57 11.81
C01 KDH J . 30.60 19.82 8.53
O01 KDH J . 32.63 21.45 9.83
O02 KDH J . 36.15 19.26 7.55
O03 KDH J . 31.66 17.93 6.71
C4 KDH J . 29.65 23.21 11.06
O35 KDH J . 30.72 19.92 10.93
O37 KDH J . 29.62 19.80 12.89
C43 KDH J . 27.31 16.68 11.17
O44 KDH J . 26.57 15.75 11.85
C46 KDH J . 27.21 16.68 9.78
O47 KDH J . 26.39 15.78 9.17
C49 KDH J . 27.94 17.60 9.03
O50 KDH J . 27.81 17.56 7.66
O1 KDH K . -27.96 -24.18 -13.54
C3 KDH K . -28.86 -24.59 -12.60
C6 KDH K . -29.57 -25.77 -12.80
O7 KDH K . -29.38 -26.51 -13.94
C9 KDH K . -30.49 -26.18 -11.84
O10 KDH K . -31.19 -27.33 -12.04
C12 KDH K . -30.69 -25.42 -10.70
C14 KDH K . -29.97 -24.25 -10.49
C15 KDH K . -30.17 -23.43 -9.26
C20 KDH K . -30.99 -23.57 -7.04
C21 KDH K . -31.94 -24.12 -6.19
C24 KDH K . -32.21 -23.49 -4.99
C26 KDH K . -31.53 -22.34 -4.62
C29 KDH K . -30.58 -21.81 -5.48
C31 KDH K . -30.29 -22.42 -6.70
C33 KDH K . -28.88 -22.81 -8.72
C36 KDH K . -26.78 -23.95 -8.40
C38 KDH K . -26.04 -22.78 -7.90
C39 KDH K . -26.73 -21.58 -7.67
C41 KDH K . -24.68 -22.87 -7.64
C01 KDH K . -29.24 -21.85 -7.62
O01 KDH K . -30.76 -24.24 -8.23
O02 KDH K . -33.15 -24.01 -4.15
O03 KDH K . -29.90 -20.67 -5.13
C4 KDH K . -29.06 -23.84 -11.45
O35 KDH K . -28.09 -23.89 -8.12
O37 KDH K . -26.27 -24.88 -8.98
C43 KDH K . -24.00 -21.78 -7.17
O44 KDH K . -22.65 -21.81 -6.91
C46 KDH K . -24.66 -20.58 -6.94
O47 KDH K . -23.97 -19.50 -6.47
C49 KDH K . -26.03 -20.48 -7.19
O50 KDH K . -26.65 -19.29 -6.95
O1 KDH L . 23.50 31.09 7.04
C3 KDH L . 24.81 30.85 6.72
C6 KDH L . 25.81 31.56 7.38
O7 KDH L . 25.48 32.49 8.32
C9 KDH L . 27.14 31.31 7.05
O10 KDH L . 28.12 32.02 7.70
C12 KDH L . 27.46 30.38 6.09
C14 KDH L . 26.46 29.67 5.43
C15 KDH L . 26.80 28.64 4.39
C20 KDH L . 28.57 27.27 3.66
C21 KDH L . 29.94 27.16 3.45
C24 KDH L . 30.41 26.22 2.54
C26 KDH L . 29.54 25.40 1.85
C29 KDH L . 28.17 25.52 2.07
C31 KDH L . 27.67 26.46 2.98
C33 KDH L . 25.89 27.42 4.44
C36 KDH L . 25.28 26.16 6.39
C38 KDH L . 24.41 25.19 5.68
C39 KDH L . 24.34 25.21 4.29
C41 KDH L . 23.69 24.25 6.42
C01 KDH L . 26.19 26.57 3.22
O01 KDH L . 28.16 28.22 4.56
O02 KDH L . 31.75 26.10 2.32
O03 KDH L . 27.31 24.72 1.39
C4 KDH L . 25.13 29.91 5.76
O35 KDH L . 26.26 26.63 5.61
O37 KDH L . 25.12 26.48 7.55
C43 KDH L . 22.89 23.34 5.75
O44 KDH L . 22.16 22.40 6.41
C46 KDH L . 22.81 23.36 4.36
O47 KDH L . 22.03 22.45 3.73
C49 KDH L . 23.54 24.29 3.64
O50 KDH L . 23.45 24.28 2.28
#